data_6L3P
#
_entry.id   6L3P
#
_cell.length_a   136.781
_cell.length_b   136.781
_cell.length_c   242.723
_cell.angle_alpha   90.000
_cell.angle_beta   90.000
_cell.angle_gamma   120.000
#
_symmetry.space_group_name_H-M   'H 3 2'
#
loop_
_entity.id
_entity.type
_entity.pdbx_description
1 polymer 'Hydroxycinnamoyl-CoA hydratase-lyase'
2 non-polymer 'COENZYME A'
3 non-polymer GLYCEROL
4 water water
#
_entity_poly.entity_id   1
_entity_poly.type   'polypeptide(L)'
_entity_poly.pdbx_seq_one_letter_code
;MSKYEGRWTTVKVELEAGIAWVTLNRPEKRNAMSPTLNREMVDVLETLEQDADAGVLVLTGAGESWTAGMDLKEYFREVD
AGPEILQEKIRREASQWQWKLLRLYAKPTIAMVNGWCFGGGFSPLVACDLAICANEATFGLSEINWGIPPGNLVSKAMAD
TVGHRQSLYYIMTGKTFDGRKAAEMGLVNDSVPLAELRETTRELALNLLEKNPVVLRAAKNGFKRCRELTWEQNEDYLYA
KLDQSRLLDTTGGREQGMKQFLDDKSIKPGLQAYKRLEHHHHHH
;
_entity_poly.pdbx_strand_id   A,B
#
# COMPACT_ATOMS: atom_id res chain seq x y z
N SER A 2 6.39 -30.29 7.33
CA SER A 2 7.31 -29.40 6.61
C SER A 2 7.25 -28.00 7.18
N LYS A 3 8.08 -27.12 6.65
CA LYS A 3 8.36 -25.87 7.30
C LYS A 3 7.05 -25.12 7.59
N TYR A 4 6.12 -25.12 6.60
CA TYR A 4 4.91 -24.29 6.68
C TYR A 4 3.63 -25.14 6.58
N GLU A 5 3.76 -26.48 6.66
CA GLU A 5 2.60 -27.37 6.55
C GLU A 5 1.62 -27.04 7.68
N GLY A 6 0.39 -26.65 7.32
CA GLY A 6 -0.69 -26.41 8.28
C GLY A 6 -0.85 -24.94 8.66
N ARG A 7 -0.16 -24.02 7.99
CA ARG A 7 -0.12 -22.66 8.46
C ARG A 7 -1.29 -21.84 7.89
N TRP A 8 -1.86 -22.29 6.75
CA TRP A 8 -2.96 -21.62 6.08
C TRP A 8 -3.99 -22.64 5.55
N THR A 9 -5.26 -22.25 5.60
CA THR A 9 -6.39 -23.10 5.20
C THR A 9 -6.55 -23.16 3.68
N THR A 10 -6.30 -22.05 2.96
CA THR A 10 -6.66 -21.94 1.52
C THR A 10 -5.43 -21.91 0.60
N VAL A 11 -4.23 -21.91 1.21
CA VAL A 11 -2.95 -21.80 0.48
C VAL A 11 -1.92 -22.74 1.11
N LYS A 12 -1.16 -23.46 0.29
CA LYS A 12 -0.04 -24.29 0.76
C LYS A 12 1.27 -23.81 0.11
N VAL A 13 2.37 -24.00 0.85
CA VAL A 13 3.69 -23.51 0.51
C VAL A 13 4.69 -24.65 0.66
N GLU A 14 5.49 -24.92 -0.36
CA GLU A 14 6.55 -25.90 -0.29
C GLU A 14 7.88 -25.23 -0.67
N LEU A 15 8.91 -25.36 0.18
CA LEU A 15 10.32 -24.92 -0.07
C LEU A 15 11.10 -26.08 -0.70
N GLU A 16 11.91 -25.82 -1.72
CA GLU A 16 12.69 -26.84 -2.37
C GLU A 16 13.75 -26.17 -3.23
N ALA A 17 14.99 -26.25 -2.73
CA ALA A 17 16.16 -25.80 -3.40
C ALA A 17 16.09 -24.28 -3.56
N GLY A 18 15.63 -23.57 -2.52
CA GLY A 18 15.52 -22.10 -2.52
C GLY A 18 14.27 -21.58 -3.22
N ILE A 19 13.44 -22.49 -3.77
CA ILE A 19 12.15 -22.14 -4.42
C ILE A 19 11.00 -22.31 -3.43
N ALA A 20 10.28 -21.22 -3.13
CA ALA A 20 8.97 -21.29 -2.44
C ALA A 20 7.86 -21.47 -3.48
N TRP A 21 7.49 -22.72 -3.79
CA TRP A 21 6.27 -23.07 -4.56
C TRP A 21 5.03 -22.71 -3.73
N VAL A 22 4.16 -21.86 -4.28
CA VAL A 22 2.95 -21.43 -3.62
C VAL A 22 1.78 -21.98 -4.43
N THR A 23 0.93 -22.76 -3.75
CA THR A 23 -0.25 -23.30 -4.36
C THR A 23 -1.47 -22.68 -3.67
N LEU A 24 -2.31 -22.07 -4.50
CA LEU A 24 -3.66 -21.71 -4.09
C LEU A 24 -4.49 -23.00 -3.99
N ASN A 25 -5.25 -23.12 -2.90
CA ASN A 25 -5.68 -24.39 -2.37
C ASN A 25 -7.16 -24.38 -2.01
N ARG A 26 -8.02 -24.11 -3.00
CA ARG A 26 -9.45 -24.42 -2.97
C ARG A 26 -9.84 -25.13 -4.28
N PRO A 27 -9.17 -26.24 -4.65
CA PRO A 27 -9.40 -26.88 -5.95
C PRO A 27 -10.87 -27.14 -6.29
N GLU A 28 -11.69 -27.38 -5.26
CA GLU A 28 -13.11 -27.67 -5.40
C GLU A 28 -13.91 -26.40 -5.71
N LYS A 29 -13.34 -25.22 -5.41
CA LYS A 29 -13.88 -23.94 -5.87
C LYS A 29 -13.00 -23.33 -6.98
N ARG A 30 -12.30 -24.21 -7.73
CA ARG A 30 -11.37 -23.82 -8.79
C ARG A 30 -10.41 -22.69 -8.32
N ASN A 31 -10.09 -22.71 -7.02
CA ASN A 31 -9.18 -21.76 -6.38
C ASN A 31 -9.68 -20.33 -6.51
N ALA A 32 -10.98 -20.11 -6.45
CA ALA A 32 -11.51 -18.76 -6.44
C ALA A 32 -10.87 -17.98 -5.28
N MET A 33 -10.84 -16.67 -5.36
CA MET A 33 -10.12 -15.85 -4.38
C MET A 33 -11.09 -15.24 -3.38
N SER A 34 -11.30 -15.94 -2.27
CA SER A 34 -12.20 -15.48 -1.21
C SER A 34 -11.45 -14.53 -0.29
N PRO A 35 -12.13 -13.68 0.49
CA PRO A 35 -11.44 -12.85 1.50
C PRO A 35 -10.48 -13.61 2.45
N THR A 36 -10.87 -14.83 2.84
CA THR A 36 -10.02 -15.70 3.61
C THR A 36 -8.70 -15.84 2.84
N LEU A 37 -8.80 -16.23 1.58
CA LEU A 37 -7.61 -16.54 0.78
C LEU A 37 -6.77 -15.28 0.51
N ASN A 38 -7.42 -14.12 0.41
CA ASN A 38 -6.70 -12.86 0.28
C ASN A 38 -5.89 -12.56 1.55
N ARG A 39 -6.48 -12.80 2.73
CA ARG A 39 -5.80 -12.46 3.99
C ARG A 39 -4.59 -13.38 4.20
N GLU A 40 -4.75 -14.65 3.82
CA GLU A 40 -3.72 -15.65 3.99
C GLU A 40 -2.56 -15.34 3.04
N MET A 41 -2.88 -14.99 1.79
CA MET A 41 -1.87 -14.66 0.76
C MET A 41 -1.08 -13.40 1.13
N VAL A 42 -1.68 -12.40 1.81
CA VAL A 42 -0.87 -11.30 2.37
C VAL A 42 0.19 -11.91 3.30
N ASP A 43 -0.27 -12.63 4.32
CA ASP A 43 0.59 -13.27 5.32
C ASP A 43 1.68 -14.12 4.62
N VAL A 44 1.30 -14.99 3.66
CA VAL A 44 2.29 -15.86 2.92
C VAL A 44 3.41 -15.04 2.28
N LEU A 45 3.06 -13.90 1.66
CA LEU A 45 4.06 -13.03 1.01
C LEU A 45 4.95 -12.32 2.04
N GLU A 46 4.37 -11.82 3.15
CA GLU A 46 5.16 -11.12 4.17
C GLU A 46 6.07 -12.10 4.90
N THR A 47 5.56 -13.33 5.09
CA THR A 47 6.31 -14.40 5.71
C THR A 47 7.47 -14.82 4.80
N LEU A 48 7.21 -15.10 3.52
CA LEU A 48 8.29 -15.59 2.58
C LEU A 48 9.32 -14.48 2.28
N GLU A 49 8.99 -13.22 2.58
CA GLU A 49 9.90 -12.14 2.29
C GLU A 49 11.10 -12.22 3.23
N GLN A 50 10.85 -12.68 4.48
CA GLN A 50 11.82 -12.73 5.58
C GLN A 50 12.49 -14.11 5.71
N ASP A 51 12.00 -15.09 4.95
CA ASP A 51 12.53 -16.40 5.01
C ASP A 51 13.70 -16.49 4.03
N ALA A 52 14.90 -16.55 4.59
CA ALA A 52 16.13 -16.52 3.79
C ALA A 52 16.39 -17.84 3.03
N ASP A 53 15.50 -18.84 3.13
CA ASP A 53 15.65 -20.11 2.39
C ASP A 53 14.83 -20.05 1.10
N ALA A 54 14.07 -18.96 0.96
CA ALA A 54 13.24 -18.68 -0.22
C ALA A 54 13.95 -17.63 -1.10
N GLY A 55 14.48 -18.09 -2.24
CA GLY A 55 15.18 -17.20 -3.20
C GLY A 55 14.31 -16.69 -4.34
N VAL A 56 13.28 -17.47 -4.72
CA VAL A 56 12.38 -17.24 -5.81
C VAL A 56 11.03 -17.88 -5.45
N LEU A 57 9.92 -17.25 -5.88
CA LEU A 57 8.58 -17.81 -5.67
C LEU A 57 8.06 -18.30 -7.01
N VAL A 58 7.32 -19.41 -6.97
CA VAL A 58 6.42 -19.76 -8.05
C VAL A 58 4.99 -19.70 -7.52
N LEU A 59 4.09 -19.10 -8.30
CA LEU A 59 2.66 -19.05 -7.97
C LEU A 59 1.90 -20.02 -8.87
N THR A 60 1.15 -20.92 -8.25
CA THR A 60 0.43 -21.92 -8.98
C THR A 60 -0.84 -22.25 -8.21
N GLY A 61 -1.70 -23.04 -8.84
CA GLY A 61 -2.98 -23.42 -8.22
C GLY A 61 -3.20 -24.92 -8.21
N ALA A 62 -3.95 -25.37 -7.20
CA ALA A 62 -4.29 -26.76 -6.98
C ALA A 62 -5.24 -27.29 -8.06
N GLY A 63 -5.05 -28.57 -8.44
CA GLY A 63 -5.94 -29.23 -9.36
C GLY A 63 -5.81 -28.65 -10.75
N GLU A 64 -6.94 -28.40 -11.39
CA GLU A 64 -6.96 -28.02 -12.81
C GLU A 64 -7.20 -26.50 -12.95
N SER A 65 -7.31 -25.78 -11.84
CA SER A 65 -7.40 -24.32 -11.85
C SER A 65 -6.06 -23.70 -11.47
N TRP A 66 -5.70 -22.63 -12.18
CA TRP A 66 -4.77 -21.68 -11.65
C TRP A 66 -5.56 -20.84 -10.63
N THR A 67 -6.41 -19.94 -11.10
CA THR A 67 -7.52 -19.42 -10.33
C THR A 67 -8.66 -19.12 -11.31
N ALA A 68 -9.88 -19.11 -10.77
CA ALA A 68 -11.09 -18.84 -11.51
C ALA A 68 -11.62 -17.47 -11.07
N GLY A 69 -10.74 -16.68 -10.48
CA GLY A 69 -11.05 -15.30 -10.30
C GLY A 69 -11.63 -15.09 -8.95
N MET A 70 -12.18 -13.90 -8.71
CA MET A 70 -12.74 -13.55 -7.40
C MET A 70 -13.88 -14.52 -7.07
N ASP A 71 -14.16 -14.67 -5.77
CA ASP A 71 -15.19 -15.56 -5.28
C ASP A 71 -16.54 -14.89 -5.51
N LEU A 72 -17.29 -15.44 -6.47
CA LEU A 72 -18.57 -14.89 -6.89
C LEU A 72 -19.52 -14.90 -5.70
N LYS A 73 -19.83 -16.13 -5.29
CA LYS A 73 -20.77 -16.42 -4.25
C LYS A 73 -20.12 -15.89 -2.96
N GLU A 74 -20.20 -14.58 -2.78
CA GLU A 74 -19.43 -13.82 -1.81
C GLU A 74 -19.59 -12.32 -2.11
N TYR A 75 -19.32 -11.89 -3.36
CA TYR A 75 -19.58 -10.49 -3.76
C TYR A 75 -21.10 -10.26 -3.69
N PHE A 76 -21.87 -11.26 -4.13
CA PHE A 76 -23.35 -11.36 -3.97
C PHE A 76 -23.78 -11.00 -2.53
N ARG A 77 -23.00 -11.47 -1.56
CA ARG A 77 -23.24 -11.23 -0.14
C ARG A 77 -23.46 -9.72 0.14
N GLU A 78 -22.54 -8.84 -0.31
CA GLU A 78 -22.69 -7.40 -0.06
C GLU A 78 -22.61 -6.64 -1.39
N GLU A 84 -20.42 -2.59 5.09
CA GLU A 84 -19.96 -2.20 3.77
C GLU A 84 -18.69 -1.33 3.89
N ILE A 85 -18.38 -0.79 5.09
CA ILE A 85 -17.00 -0.25 5.38
C ILE A 85 -16.01 -1.42 5.42
N LEU A 86 -16.55 -2.61 5.71
CA LEU A 86 -15.92 -3.91 5.57
C LEU A 86 -15.46 -4.16 4.12
N GLN A 87 -16.33 -3.84 3.15
CA GLN A 87 -16.06 -4.08 1.71
C GLN A 87 -14.83 -3.26 1.28
N GLU A 88 -14.66 -2.06 1.87
CA GLU A 88 -13.48 -1.21 1.69
C GLU A 88 -12.22 -2.02 2.00
N LYS A 89 -12.22 -2.68 3.15
CA LYS A 89 -11.06 -3.42 3.65
C LYS A 89 -10.92 -4.77 2.91
N ILE A 90 -12.04 -5.35 2.44
CA ILE A 90 -11.96 -6.58 1.63
C ILE A 90 -11.22 -6.26 0.32
N ARG A 91 -11.53 -5.10 -0.25
CA ARG A 91 -10.92 -4.61 -1.51
C ARG A 91 -9.39 -4.43 -1.32
N ARG A 92 -9.00 -3.70 -0.25
CA ARG A 92 -7.58 -3.41 0.09
C ARG A 92 -6.75 -4.71 0.23
N GLU A 93 -7.34 -5.73 0.84
CA GLU A 93 -6.64 -6.98 1.10
C GLU A 93 -6.51 -7.81 -0.19
N ALA A 94 -7.41 -7.64 -1.15
CA ALA A 94 -7.18 -8.19 -2.51
C ALA A 94 -5.99 -7.46 -3.17
N SER A 95 -5.95 -6.14 -3.03
CA SER A 95 -4.92 -5.33 -3.62
C SER A 95 -3.58 -5.72 -2.97
N GLN A 96 -3.59 -5.83 -1.64
CA GLN A 96 -2.35 -6.01 -0.88
C GLN A 96 -1.55 -7.19 -1.44
N TRP A 97 -2.20 -8.34 -1.68
CA TRP A 97 -1.39 -9.43 -2.16
C TRP A 97 -1.30 -9.47 -3.67
N GLN A 98 -2.31 -9.01 -4.42
CA GLN A 98 -2.36 -9.34 -5.86
C GLN A 98 -1.31 -8.53 -6.64
N TRP A 99 -1.02 -7.31 -6.15
CA TRP A 99 -0.10 -6.42 -6.84
C TRP A 99 0.67 -5.49 -5.87
N LYS A 100 0.06 -5.00 -4.79
CA LYS A 100 0.78 -4.03 -3.89
C LYS A 100 2.08 -4.66 -3.34
N LEU A 101 2.04 -5.94 -2.98
CA LEU A 101 3.25 -6.62 -2.52
C LEU A 101 3.91 -7.35 -3.69
N LEU A 102 3.10 -7.97 -4.54
CA LEU A 102 3.60 -9.01 -5.47
C LEU A 102 4.38 -8.41 -6.67
N ARG A 103 3.94 -7.25 -7.14
CA ARG A 103 4.40 -6.72 -8.42
C ARG A 103 5.83 -6.17 -8.31
N LEU A 104 6.11 -5.47 -7.18
CA LEU A 104 7.44 -5.06 -6.83
C LEU A 104 7.96 -5.85 -5.62
N TYR A 105 7.81 -7.17 -5.71
CA TYR A 105 8.29 -8.09 -4.66
C TYR A 105 9.81 -8.08 -4.69
N ALA A 106 10.37 -8.29 -3.49
CA ALA A 106 11.79 -8.15 -3.21
C ALA A 106 12.54 -9.36 -3.77
N LYS A 107 11.79 -10.43 -4.03
CA LYS A 107 12.35 -11.62 -4.60
C LYS A 107 11.67 -11.88 -5.93
N PRO A 108 12.37 -12.58 -6.84
CA PRO A 108 11.83 -12.86 -8.16
C PRO A 108 10.56 -13.67 -7.95
N THR A 109 9.56 -13.44 -8.81
CA THR A 109 8.26 -14.14 -8.83
C THR A 109 7.98 -14.70 -10.23
N ILE A 110 7.36 -15.88 -10.29
CA ILE A 110 6.94 -16.52 -11.57
C ILE A 110 5.53 -17.08 -11.37
N ALA A 111 4.60 -16.75 -12.26
CA ALA A 111 3.34 -17.41 -12.37
C ALA A 111 3.44 -18.69 -13.25
N MET A 112 3.09 -19.85 -12.66
CA MET A 112 2.98 -21.15 -13.36
C MET A 112 1.48 -21.50 -13.55
N VAL A 113 0.96 -21.17 -14.73
CA VAL A 113 -0.46 -21.18 -15.04
C VAL A 113 -0.81 -22.54 -15.66
N ASN A 114 -1.43 -23.37 -14.79
CA ASN A 114 -1.71 -24.82 -15.03
C ASN A 114 -3.12 -25.03 -15.62
N GLY A 115 -4.06 -24.10 -15.42
CA GLY A 115 -5.38 -24.28 -16.02
C GLY A 115 -6.17 -22.99 -16.14
N TRP A 116 -7.42 -23.01 -15.67
CA TRP A 116 -8.31 -21.83 -15.71
C TRP A 116 -7.59 -20.64 -15.08
N CYS A 117 -7.54 -19.51 -15.79
CA CYS A 117 -7.25 -18.14 -15.28
C CYS A 117 -8.36 -17.22 -15.77
N PHE A 118 -9.15 -16.66 -14.84
CA PHE A 118 -10.33 -15.84 -15.13
C PHE A 118 -10.32 -14.57 -14.27
N GLY A 119 -10.91 -13.52 -14.85
CA GLY A 119 -10.61 -12.15 -14.54
C GLY A 119 -10.57 -11.85 -13.05
N GLY A 120 -9.48 -11.23 -12.63
CA GLY A 120 -9.22 -11.07 -11.20
C GLY A 120 -7.90 -11.72 -10.92
N GLY A 121 -7.80 -12.95 -11.42
CA GLY A 121 -6.60 -13.74 -11.56
C GLY A 121 -5.57 -13.14 -12.49
N PHE A 122 -5.98 -12.31 -13.44
CA PHE A 122 -5.11 -11.51 -14.30
C PHE A 122 -4.25 -10.49 -13.50
N SER A 123 -4.76 -9.86 -12.43
CA SER A 123 -3.80 -8.90 -11.76
C SER A 123 -2.56 -9.65 -11.27
N PRO A 124 -2.69 -10.68 -10.42
CA PRO A 124 -1.51 -11.33 -9.86
C PRO A 124 -0.74 -12.08 -10.95
N LEU A 125 -1.39 -12.47 -12.04
CA LEU A 125 -0.65 -12.99 -13.17
C LEU A 125 0.35 -11.94 -13.70
N VAL A 126 -0.14 -10.75 -13.97
CA VAL A 126 0.69 -9.72 -14.59
C VAL A 126 1.73 -9.20 -13.58
N ALA A 127 1.39 -9.13 -12.28
CA ALA A 127 2.31 -8.59 -11.20
C ALA A 127 3.53 -9.50 -10.98
N CYS A 128 3.39 -10.79 -11.30
CA CYS A 128 4.55 -11.71 -11.33
C CYS A 128 5.54 -11.24 -12.38
N ASP A 129 6.82 -11.35 -12.08
CA ASP A 129 7.85 -10.81 -12.96
C ASP A 129 7.76 -11.51 -14.31
N LEU A 130 7.62 -12.83 -14.27
CA LEU A 130 7.60 -13.72 -15.45
C LEU A 130 6.44 -14.71 -15.31
N ALA A 131 6.19 -15.51 -16.36
CA ALA A 131 5.04 -16.34 -16.38
C ALA A 131 5.13 -17.42 -17.47
N ILE A 132 4.95 -18.69 -17.09
CA ILE A 132 4.80 -19.83 -18.03
C ILE A 132 3.40 -20.41 -17.86
N CYS A 133 2.77 -20.79 -18.98
CA CYS A 133 1.47 -21.44 -18.99
C CYS A 133 1.50 -22.72 -19.83
N ALA A 134 0.45 -23.53 -19.65
CA ALA A 134 0.23 -24.71 -20.38
C ALA A 134 -0.57 -24.38 -21.63
N ASN A 135 -0.26 -25.07 -22.73
CA ASN A 135 -0.97 -24.96 -23.97
C ASN A 135 -2.45 -25.20 -23.73
N GLU A 136 -2.72 -26.06 -22.77
CA GLU A 136 -4.06 -26.51 -22.35
C GLU A 136 -4.70 -25.57 -21.33
N ALA A 137 -3.99 -24.58 -20.78
CA ALA A 137 -4.66 -23.62 -19.90
C ALA A 137 -5.71 -22.87 -20.74
N THR A 138 -6.63 -22.21 -20.05
CA THR A 138 -7.73 -21.48 -20.67
C THR A 138 -7.98 -20.20 -19.87
N PHE A 139 -8.13 -19.07 -20.59
CA PHE A 139 -8.11 -17.74 -20.02
C PHE A 139 -9.37 -16.99 -20.37
N GLY A 140 -9.82 -16.11 -19.47
CA GLY A 140 -10.96 -15.32 -19.74
C GLY A 140 -11.12 -14.11 -18.86
N LEU A 141 -11.55 -13.02 -19.51
CA LEU A 141 -12.04 -11.79 -18.91
C LEU A 141 -13.56 -11.71 -19.05
N SER A 142 -14.21 -12.72 -18.48
CA SER A 142 -15.64 -12.96 -18.57
C SER A 142 -16.40 -12.15 -17.51
N GLU A 143 -15.76 -11.18 -16.86
CA GLU A 143 -16.52 -10.23 -16.03
C GLU A 143 -17.77 -9.75 -16.78
N ILE A 144 -17.66 -9.53 -18.10
CA ILE A 144 -18.72 -8.88 -18.91
C ILE A 144 -20.00 -9.74 -18.98
N ASN A 145 -19.83 -11.07 -19.02
CA ASN A 145 -20.97 -11.99 -19.08
C ASN A 145 -21.69 -12.08 -17.73
N TRP A 146 -20.94 -11.91 -16.63
CA TRP A 146 -21.50 -11.85 -15.28
C TRP A 146 -22.07 -10.44 -15.02
N GLY A 147 -21.93 -9.52 -15.99
CA GLY A 147 -22.51 -8.19 -15.90
C GLY A 147 -21.73 -7.28 -14.97
N ILE A 148 -20.39 -7.45 -14.90
CA ILE A 148 -19.53 -6.40 -14.30
C ILE A 148 -18.32 -6.11 -15.18
N PRO A 149 -17.77 -4.88 -15.04
CA PRO A 149 -16.47 -4.55 -15.61
C PRO A 149 -15.35 -5.20 -14.81
N PRO A 150 -14.14 -5.39 -15.38
CA PRO A 150 -13.08 -6.10 -14.67
C PRO A 150 -12.87 -5.40 -13.32
N GLY A 151 -12.59 -6.20 -12.28
CA GLY A 151 -12.38 -5.69 -10.94
C GLY A 151 -10.91 -5.45 -10.64
N ASN A 152 -10.69 -4.62 -9.62
CA ASN A 152 -9.39 -4.33 -9.07
C ASN A 152 -8.56 -3.73 -10.21
N LEU A 153 -7.30 -4.13 -10.36
CA LEU A 153 -6.41 -3.66 -11.38
C LEU A 153 -6.48 -4.58 -12.61
N VAL A 154 -7.56 -5.35 -12.82
CA VAL A 154 -7.56 -6.27 -14.00
C VAL A 154 -7.32 -5.47 -15.29
N SER A 155 -8.06 -4.38 -15.50
CA SER A 155 -7.96 -3.58 -16.74
C SER A 155 -6.52 -3.16 -16.96
N LYS A 156 -5.89 -2.76 -15.85
CA LYS A 156 -4.58 -2.14 -15.91
C LYS A 156 -3.52 -3.19 -16.19
N ALA A 157 -3.68 -4.33 -15.57
CA ALA A 157 -2.90 -5.51 -15.87
C ALA A 157 -2.86 -5.72 -17.38
N MET A 158 -4.02 -5.67 -18.02
CA MET A 158 -4.14 -5.91 -19.50
C MET A 158 -3.51 -4.79 -20.34
N ALA A 159 -3.70 -3.55 -19.86
CA ALA A 159 -3.28 -2.33 -20.55
C ALA A 159 -1.76 -2.25 -20.65
N ASP A 160 -1.05 -2.85 -19.66
CA ASP A 160 0.41 -2.88 -19.59
C ASP A 160 0.96 -4.06 -20.39
N THR A 161 0.09 -4.99 -20.81
CA THR A 161 0.56 -6.25 -21.26
C THR A 161 0.11 -6.55 -22.70
N VAL A 162 -1.18 -6.37 -22.99
CA VAL A 162 -1.77 -6.70 -24.26
C VAL A 162 -2.15 -5.43 -25.00
N GLY A 163 -1.92 -5.42 -26.31
CA GLY A 163 -2.28 -4.34 -27.18
C GLY A 163 -3.77 -4.07 -27.06
N HIS A 164 -4.20 -2.85 -27.34
CA HIS A 164 -5.56 -2.45 -27.01
C HIS A 164 -6.59 -3.11 -27.92
N ARG A 165 -6.32 -3.18 -29.21
CA ARG A 165 -7.18 -4.04 -30.10
C ARG A 165 -7.48 -5.37 -29.39
N GLN A 166 -6.45 -6.09 -28.98
CA GLN A 166 -6.67 -7.43 -28.38
C GLN A 166 -7.23 -7.33 -26.96
N SER A 167 -6.73 -6.39 -26.16
CA SER A 167 -7.26 -6.21 -24.81
C SER A 167 -8.77 -6.01 -24.90
N LEU A 168 -9.20 -5.04 -25.72
CA LEU A 168 -10.64 -4.61 -25.65
C LEU A 168 -11.54 -5.73 -26.21
N TYR A 169 -11.11 -6.46 -27.25
CA TYR A 169 -11.88 -7.62 -27.75
C TYR A 169 -12.19 -8.57 -26.60
N TYR A 170 -11.14 -9.06 -25.93
CA TYR A 170 -11.33 -9.99 -24.86
C TYR A 170 -12.14 -9.38 -23.71
N ILE A 171 -11.96 -8.10 -23.38
CA ILE A 171 -12.71 -7.51 -22.28
C ILE A 171 -14.17 -7.33 -22.67
N MET A 172 -14.43 -6.69 -23.81
CA MET A 172 -15.79 -6.44 -24.29
C MET A 172 -16.49 -7.76 -24.73
N THR A 173 -15.81 -8.76 -25.32
CA THR A 173 -16.61 -9.94 -25.81
C THR A 173 -16.81 -11.00 -24.71
N GLY A 174 -15.76 -11.21 -23.88
CA GLY A 174 -15.77 -12.23 -22.86
C GLY A 174 -15.24 -13.56 -23.37
N LYS A 175 -14.71 -13.60 -24.60
CA LYS A 175 -14.32 -14.89 -25.17
C LYS A 175 -13.06 -15.47 -24.50
N THR A 176 -12.99 -16.78 -24.50
CA THR A 176 -11.88 -17.50 -23.93
C THR A 176 -10.74 -17.56 -24.96
N PHE A 177 -9.51 -17.80 -24.47
CA PHE A 177 -8.33 -18.02 -25.30
C PHE A 177 -7.41 -19.05 -24.60
N ASP A 178 -6.64 -19.76 -25.41
CA ASP A 178 -5.85 -20.86 -24.93
C ASP A 178 -4.44 -20.32 -24.63
N GLY A 179 -3.56 -21.18 -24.11
CA GLY A 179 -2.25 -20.78 -23.62
C GLY A 179 -1.40 -20.17 -24.71
N ARG A 180 -1.43 -20.82 -25.86
CA ARG A 180 -0.67 -20.45 -27.03
C ARG A 180 -0.97 -18.99 -27.38
N LYS A 181 -2.24 -18.62 -27.33
CA LYS A 181 -2.73 -17.29 -27.56
C LYS A 181 -2.27 -16.31 -26.45
N ALA A 182 -2.23 -16.73 -25.18
CA ALA A 182 -1.74 -15.82 -24.12
C ALA A 182 -0.32 -15.39 -24.43
N ALA A 183 0.41 -16.31 -25.08
CA ALA A 183 1.80 -16.16 -25.42
C ALA A 183 1.95 -15.21 -26.62
N GLU A 184 1.12 -15.39 -27.65
CA GLU A 184 1.09 -14.49 -28.80
C GLU A 184 0.90 -13.06 -28.29
N MET A 185 0.02 -12.88 -27.30
CA MET A 185 -0.38 -11.56 -26.88
C MET A 185 0.64 -10.97 -25.90
N GLY A 186 1.61 -11.79 -25.45
CA GLY A 186 2.68 -11.35 -24.54
C GLY A 186 2.26 -11.31 -23.06
N LEU A 187 1.17 -12.01 -22.73
CA LEU A 187 0.64 -12.22 -21.37
C LEU A 187 1.55 -13.15 -20.56
N VAL A 188 2.12 -14.16 -21.25
CA VAL A 188 3.08 -15.07 -20.67
C VAL A 188 4.39 -15.02 -21.49
N ASN A 189 5.48 -15.46 -20.87
CA ASN A 189 6.74 -15.58 -21.54
C ASN A 189 6.70 -16.70 -22.59
N ASP A 190 6.05 -17.81 -22.23
CA ASP A 190 5.94 -18.93 -23.13
C ASP A 190 4.80 -19.83 -22.64
N SER A 191 4.39 -20.76 -23.52
CA SER A 191 3.37 -21.77 -23.34
C SER A 191 3.94 -23.13 -23.77
N VAL A 192 3.86 -24.11 -22.85
CA VAL A 192 4.42 -25.44 -23.02
C VAL A 192 3.35 -26.45 -22.63
N PRO A 193 3.43 -27.72 -23.13
CA PRO A 193 2.51 -28.76 -22.70
C PRO A 193 2.50 -28.82 -21.17
N LEU A 194 1.31 -29.04 -20.59
CA LEU A 194 1.19 -29.24 -19.15
C LEU A 194 2.25 -30.25 -18.66
N ALA A 195 2.45 -31.31 -19.45
CA ALA A 195 3.41 -32.37 -19.14
C ALA A 195 4.76 -31.76 -18.74
N GLU A 196 5.23 -30.75 -19.48
CA GLU A 196 6.57 -30.21 -19.28
C GLU A 196 6.55 -28.94 -18.40
N LEU A 197 5.41 -28.55 -17.85
CA LEU A 197 5.26 -27.19 -17.27
C LEU A 197 6.13 -27.01 -16.02
N ARG A 198 5.85 -27.79 -14.97
CA ARG A 198 6.54 -27.75 -13.62
C ARG A 198 8.06 -27.84 -13.78
N GLU A 199 8.49 -28.60 -14.78
CA GLU A 199 9.90 -28.86 -15.09
C GLU A 199 10.56 -27.57 -15.62
N THR A 200 9.91 -26.97 -16.63
CA THR A 200 10.36 -25.79 -17.35
C THR A 200 10.37 -24.57 -16.41
N THR A 201 9.33 -24.48 -15.58
CA THR A 201 9.28 -23.41 -14.66
C THR A 201 10.50 -23.51 -13.75
N ARG A 202 10.88 -24.74 -13.37
CA ARG A 202 11.82 -24.97 -12.28
C ARG A 202 13.23 -24.58 -12.75
N GLU A 203 13.61 -25.08 -13.94
CA GLU A 203 14.85 -24.70 -14.67
C GLU A 203 15.05 -23.19 -14.63
N LEU A 204 14.00 -22.43 -14.96
CA LEU A 204 14.06 -20.98 -14.95
C LEU A 204 14.27 -20.48 -13.51
N ALA A 205 13.57 -21.07 -12.56
CA ALA A 205 13.58 -20.68 -11.14
C ALA A 205 14.99 -20.81 -10.56
N LEU A 206 15.66 -21.90 -10.98
CA LEU A 206 17.02 -22.22 -10.58
C LEU A 206 17.98 -21.20 -11.20
N ASN A 207 17.72 -20.81 -12.45
CA ASN A 207 18.55 -19.90 -13.19
C ASN A 207 18.54 -18.53 -12.50
N LEU A 208 17.41 -18.12 -11.93
CA LEU A 208 17.33 -16.83 -11.31
C LEU A 208 17.98 -16.87 -9.93
N LEU A 209 18.14 -18.07 -9.36
CA LEU A 209 18.74 -18.24 -8.01
C LEU A 209 20.25 -18.03 -8.06
N GLU A 210 20.84 -18.40 -9.20
CA GLU A 210 22.24 -18.09 -9.58
C GLU A 210 22.55 -16.57 -9.51
N LYS A 211 21.57 -15.66 -9.52
CA LYS A 211 21.89 -14.20 -9.60
C LYS A 211 21.94 -13.57 -8.22
N ASN A 212 22.83 -12.59 -8.07
CA ASN A 212 22.87 -11.76 -6.89
C ASN A 212 21.47 -11.23 -6.66
N PRO A 213 20.81 -11.63 -5.55
CA PRO A 213 19.43 -11.22 -5.33
C PRO A 213 19.19 -9.74 -4.94
N VAL A 214 20.21 -9.01 -4.48
CA VAL A 214 19.96 -7.59 -4.24
C VAL A 214 19.99 -6.87 -5.61
N VAL A 215 20.74 -7.42 -6.55
CA VAL A 215 20.89 -6.82 -7.85
C VAL A 215 19.59 -7.07 -8.62
N LEU A 216 19.25 -8.36 -8.75
CA LEU A 216 18.06 -8.80 -9.44
C LEU A 216 16.85 -7.97 -8.99
N ARG A 217 16.71 -7.72 -7.69
CA ARG A 217 15.63 -6.90 -7.19
C ARG A 217 15.66 -5.54 -7.88
N ALA A 218 16.82 -4.90 -7.87
CA ALA A 218 16.89 -3.51 -8.27
C ALA A 218 16.64 -3.45 -9.77
N ALA A 219 17.15 -4.44 -10.50
CA ALA A 219 16.98 -4.57 -11.95
C ALA A 219 15.51 -4.74 -12.31
N LYS A 220 14.85 -5.73 -11.72
CA LYS A 220 13.49 -6.09 -12.07
C LYS A 220 12.53 -5.02 -11.53
N ASN A 221 12.69 -4.58 -10.28
CA ASN A 221 11.70 -3.66 -9.69
C ASN A 221 11.96 -2.25 -10.19
N GLY A 222 13.19 -1.95 -10.62
CA GLY A 222 13.51 -0.67 -11.23
C GLY A 222 12.99 -0.52 -12.65
N PHE A 223 13.07 -1.62 -13.43
CA PHE A 223 12.50 -1.68 -14.73
C PHE A 223 10.99 -1.38 -14.67
N LYS A 224 10.24 -2.07 -13.82
CA LYS A 224 8.80 -1.90 -13.70
C LYS A 224 8.52 -0.42 -13.46
N ARG A 225 9.18 0.20 -12.49
CA ARG A 225 8.82 1.57 -12.17
C ARG A 225 9.26 2.53 -13.28
N CYS A 226 10.31 2.16 -14.06
CA CYS A 226 10.84 3.11 -15.03
C CYS A 226 9.79 3.33 -16.14
N ARG A 227 8.90 2.34 -16.31
CA ARG A 227 7.80 2.41 -17.29
C ARG A 227 6.93 3.66 -17.11
N GLU A 228 6.80 4.15 -15.88
CA GLU A 228 5.90 5.27 -15.54
C GLU A 228 6.63 6.62 -15.60
N LEU A 229 7.95 6.62 -15.78
CA LEU A 229 8.75 7.84 -15.74
C LEU A 229 9.27 8.17 -17.15
N THR A 230 9.59 9.47 -17.34
CA THR A 230 10.16 9.94 -18.59
C THR A 230 11.64 9.57 -18.63
N TRP A 231 12.24 9.63 -19.83
CA TRP A 231 13.68 9.38 -19.96
C TRP A 231 14.44 10.28 -18.99
N GLU A 232 14.13 11.58 -19.00
CA GLU A 232 14.89 12.56 -18.22
C GLU A 232 14.68 12.29 -16.72
N GLN A 233 13.48 11.91 -16.33
CA GLN A 233 13.26 11.51 -14.93
C GLN A 233 14.06 10.23 -14.61
N ASN A 234 14.12 9.29 -15.56
CA ASN A 234 14.73 7.99 -15.31
C ASN A 234 16.27 8.09 -15.16
N GLU A 235 16.89 9.06 -15.82
CA GLU A 235 18.32 9.23 -15.63
C GLU A 235 18.61 9.36 -14.14
N ASP A 236 17.76 10.13 -13.46
CA ASP A 236 17.98 10.32 -12.06
C ASP A 236 17.44 9.09 -11.30
N TYR A 237 16.19 8.73 -11.50
CA TYR A 237 15.67 7.51 -10.81
C TYR A 237 16.64 6.33 -10.99
N LEU A 238 16.94 5.89 -12.22
CA LEU A 238 17.57 4.53 -12.40
C LEU A 238 19.01 4.52 -11.84
N TYR A 239 19.69 5.68 -11.87
CA TYR A 239 21.03 5.80 -11.24
C TYR A 239 20.90 5.73 -9.72
N ALA A 240 19.89 6.38 -9.15
CA ALA A 240 19.67 6.28 -7.71
C ALA A 240 19.42 4.81 -7.33
N LYS A 241 18.79 4.06 -8.24
CA LYS A 241 18.51 2.62 -7.95
C LYS A 241 19.76 1.76 -8.15
N LEU A 242 20.63 2.15 -9.09
CA LEU A 242 21.93 1.53 -9.32
C LEU A 242 22.81 1.71 -8.06
N ASP A 243 22.83 2.95 -7.52
CA ASP A 243 23.66 3.26 -6.35
C ASP A 243 23.10 2.56 -5.10
N GLN A 244 21.78 2.61 -4.94
CA GLN A 244 21.10 1.89 -3.86
C GLN A 244 21.53 0.41 -3.88
N SER A 245 21.44 -0.20 -5.06
CA SER A 245 21.83 -1.57 -5.25
C SER A 245 23.25 -1.81 -4.74
N ARG A 246 24.21 -1.01 -5.21
CA ARG A 246 25.63 -1.06 -4.73
C ARG A 246 25.66 -1.11 -3.18
N LEU A 247 24.98 -0.17 -2.53
CA LEU A 247 25.04 -0.04 -1.05
C LEU A 247 24.46 -1.26 -0.34
N LEU A 248 23.27 -1.74 -0.75
CA LEU A 248 22.57 -2.87 -0.07
C LEU A 248 23.23 -4.22 -0.38
N ASP A 249 24.24 -4.26 -1.25
CA ASP A 249 24.86 -5.52 -1.62
C ASP A 249 26.05 -5.86 -0.69
N THR A 250 26.95 -4.89 -0.50
CA THR A 250 28.15 -5.08 0.33
C THR A 250 27.77 -4.95 1.81
N SER B 2 -12.20 1.11 29.86
CA SER B 2 -12.29 1.73 28.49
C SER B 2 -12.20 0.65 27.41
N LYS B 3 -12.52 1.04 26.17
CA LYS B 3 -12.61 0.10 25.07
C LYS B 3 -11.21 -0.44 24.77
N TYR B 4 -10.24 0.48 24.67
CA TYR B 4 -8.90 0.25 24.06
C TYR B 4 -7.76 0.34 25.09
N GLU B 5 -8.02 0.99 26.23
CA GLU B 5 -7.16 0.99 27.43
C GLU B 5 -6.42 -0.34 27.56
N GLY B 6 -5.09 -0.30 27.44
CA GLY B 6 -4.17 -1.43 27.69
C GLY B 6 -3.88 -2.26 26.44
N ARG B 7 -4.46 -1.87 25.31
CA ARG B 7 -4.39 -2.63 24.06
C ARG B 7 -3.07 -2.32 23.34
N TRP B 8 -2.48 -1.14 23.59
CA TRP B 8 -1.23 -0.72 22.91
C TRP B 8 -0.23 -0.11 23.90
N THR B 9 1.04 -0.52 23.73
CA THR B 9 2.13 -0.17 24.62
C THR B 9 2.70 1.22 24.30
N THR B 10 2.66 1.64 23.02
CA THR B 10 3.26 2.92 22.60
C THR B 10 2.19 3.93 22.16
N VAL B 11 0.91 3.51 22.18
CA VAL B 11 -0.18 4.37 21.73
C VAL B 11 -1.42 4.17 22.63
N LYS B 12 -2.18 5.25 22.79
CA LYS B 12 -3.32 5.37 23.66
C LYS B 12 -4.46 6.04 22.87
N VAL B 13 -5.68 5.50 23.02
CA VAL B 13 -6.84 5.81 22.17
C VAL B 13 -8.08 5.98 23.03
N GLU B 14 -8.53 7.23 23.21
CA GLU B 14 -9.72 7.55 24.00
C GLU B 14 -10.87 7.98 23.06
N LEU B 15 -11.92 7.17 22.98
CA LEU B 15 -13.17 7.55 22.28
C LEU B 15 -14.02 8.44 23.19
N GLU B 16 -14.55 9.53 22.64
CA GLU B 16 -15.34 10.50 23.39
C GLU B 16 -16.19 11.33 22.42
N ALA B 17 -17.48 10.99 22.34
CA ALA B 17 -18.48 11.74 21.58
C ALA B 17 -18.25 11.59 20.07
N GLY B 18 -17.95 10.36 19.61
CA GLY B 18 -17.60 10.08 18.19
C GLY B 18 -16.14 10.31 17.85
N ILE B 19 -15.51 11.34 18.45
CA ILE B 19 -14.08 11.69 18.31
C ILE B 19 -13.22 10.51 18.81
N ALA B 20 -12.12 10.22 18.10
CA ALA B 20 -11.14 9.22 18.52
C ALA B 20 -9.80 9.91 18.72
N TRP B 21 -9.55 10.33 19.97
CA TRP B 21 -8.30 10.94 20.37
C TRP B 21 -7.24 9.85 20.39
N VAL B 22 -6.21 10.01 19.56
CA VAL B 22 -5.18 9.03 19.41
C VAL B 22 -3.90 9.71 19.85
N THR B 23 -3.26 9.16 20.89
CA THR B 23 -2.11 9.78 21.51
C THR B 23 -0.89 8.87 21.31
N LEU B 24 0.12 9.41 20.62
CA LEU B 24 1.44 8.82 20.58
C LEU B 24 2.00 8.86 22.00
N ASN B 25 2.46 7.70 22.49
CA ASN B 25 2.63 7.47 23.92
C ASN B 25 3.97 6.80 24.22
N ARG B 26 5.03 7.56 23.92
CA ARG B 26 6.38 7.34 24.43
C ARG B 26 6.95 8.71 24.83
N PRO B 27 6.29 9.50 25.71
CA PRO B 27 6.77 10.84 26.09
C PRO B 27 8.21 10.95 26.65
N GLU B 28 8.70 9.85 27.23
CA GLU B 28 10.08 9.67 27.67
C GLU B 28 11.06 9.78 26.48
N LYS B 29 10.57 9.56 25.25
CA LYS B 29 11.34 9.63 23.99
C LYS B 29 10.79 10.71 23.05
N ARG B 30 9.98 11.63 23.58
CA ARG B 30 9.36 12.65 22.77
C ARG B 30 8.52 11.98 21.65
N ASN B 31 7.96 10.82 21.98
CA ASN B 31 7.13 10.00 21.11
C ASN B 31 7.86 9.60 19.82
N ALA B 32 9.18 9.41 19.89
CA ALA B 32 10.00 9.08 18.71
C ALA B 32 9.40 7.85 18.01
N MET B 33 9.33 7.86 16.68
CA MET B 33 8.56 6.84 15.94
C MET B 33 9.43 5.61 15.68
N SER B 34 9.30 4.61 16.57
CA SER B 34 10.09 3.37 16.56
C SER B 34 9.36 2.30 15.76
N PRO B 35 10.01 1.18 15.41
CA PRO B 35 9.34 0.13 14.65
C PRO B 35 8.11 -0.44 15.37
N THR B 36 8.18 -0.43 16.70
CA THR B 36 7.10 -0.87 17.55
C THR B 36 5.89 0.06 17.36
N LEU B 37 6.12 1.37 17.55
CA LEU B 37 5.07 2.38 17.42
C LEU B 37 4.47 2.39 15.99
N ASN B 38 5.29 2.05 14.99
CA ASN B 38 4.80 1.90 13.60
C ASN B 38 3.78 0.77 13.51
N ARG B 39 4.15 -0.45 13.96
CA ARG B 39 3.25 -1.64 13.83
C ARG B 39 1.93 -1.38 14.56
N GLU B 40 2.03 -0.80 15.76
CA GLU B 40 0.87 -0.55 16.59
C GLU B 40 -0.04 0.45 15.88
N MET B 41 0.56 1.51 15.33
CA MET B 41 -0.20 2.54 14.64
C MET B 41 -0.98 1.95 13.44
N VAL B 42 -0.37 1.03 12.67
CA VAL B 42 -1.08 0.32 11.58
C VAL B 42 -2.35 -0.29 12.17
N ASP B 43 -2.19 -1.16 13.19
CA ASP B 43 -3.29 -1.80 13.95
C ASP B 43 -4.34 -0.76 14.40
N VAL B 44 -3.91 0.31 15.09
CA VAL B 44 -4.79 1.36 15.61
C VAL B 44 -5.71 1.88 14.50
N LEU B 45 -5.09 2.26 13.37
CA LEU B 45 -5.82 2.85 12.24
C LEU B 45 -6.83 1.83 11.71
N GLU B 46 -6.35 0.59 11.48
CA GLU B 46 -7.16 -0.53 10.99
C GLU B 46 -8.30 -0.89 11.96
N THR B 47 -8.03 -0.82 13.28
CA THR B 47 -9.07 -1.04 14.30
C THR B 47 -10.08 0.12 14.23
N LEU B 48 -9.61 1.37 14.26
CA LEU B 48 -10.52 2.55 14.32
C LEU B 48 -11.34 2.73 13.03
N GLU B 49 -10.85 2.18 11.90
CA GLU B 49 -11.57 2.20 10.60
C GLU B 49 -12.91 1.47 10.77
N GLN B 50 -12.89 0.31 11.44
CA GLN B 50 -14.07 -0.56 11.59
C GLN B 50 -14.91 -0.21 12.83
N ASP B 51 -14.41 0.65 13.73
CA ASP B 51 -15.16 1.05 14.95
C ASP B 51 -16.20 2.10 14.54
N ALA B 52 -17.49 1.75 14.61
CA ALA B 52 -18.56 2.66 14.21
C ALA B 52 -18.81 3.77 15.26
N ASP B 53 -18.20 3.67 16.45
CA ASP B 53 -18.35 4.73 17.47
C ASP B 53 -17.34 5.84 17.17
N ALA B 54 -16.41 5.55 16.24
CA ALA B 54 -15.33 6.45 15.81
C ALA B 54 -15.73 7.13 14.49
N GLY B 55 -15.96 8.44 14.56
CA GLY B 55 -16.37 9.25 13.43
C GLY B 55 -15.24 10.08 12.85
N VAL B 56 -14.43 10.69 13.73
CA VAL B 56 -13.26 11.47 13.40
C VAL B 56 -12.07 10.89 14.17
N LEU B 57 -10.83 11.16 13.72
CA LEU B 57 -9.61 10.92 14.49
C LEU B 57 -8.94 12.26 14.76
N VAL B 58 -8.29 12.36 15.91
CA VAL B 58 -7.29 13.38 16.20
C VAL B 58 -6.01 12.63 16.59
N LEU B 59 -4.88 13.07 16.04
CA LEU B 59 -3.57 12.51 16.32
C LEU B 59 -2.77 13.55 17.11
N THR B 60 -2.34 13.19 18.31
CA THR B 60 -1.58 14.09 19.16
C THR B 60 -0.58 13.27 19.98
N GLY B 61 0.40 13.96 20.56
CA GLY B 61 1.49 13.32 21.32
C GLY B 61 1.42 13.61 22.80
N ALA B 62 1.78 12.58 23.59
CA ALA B 62 1.80 12.64 25.04
C ALA B 62 2.92 13.58 25.50
N GLY B 63 2.58 14.51 26.40
CA GLY B 63 3.55 15.38 27.00
C GLY B 63 3.70 16.65 26.18
N GLU B 64 4.95 17.08 26.00
CA GLU B 64 5.24 18.39 25.45
C GLU B 64 5.88 18.18 24.07
N SER B 65 5.61 17.00 23.51
CA SER B 65 6.17 16.49 22.26
C SER B 65 5.06 15.87 21.41
N TRP B 66 5.01 16.23 20.12
CA TRP B 66 4.11 15.60 19.12
C TRP B 66 4.76 14.29 18.65
N THR B 67 5.81 14.39 17.83
CA THR B 67 6.90 13.43 17.80
C THR B 67 8.14 14.17 17.30
N ALA B 68 9.30 13.72 17.79
CA ALA B 68 10.60 14.20 17.36
C ALA B 68 11.14 13.29 16.24
N GLY B 69 10.22 12.72 15.46
CA GLY B 69 10.58 12.04 14.25
C GLY B 69 10.81 10.57 14.48
N MET B 70 11.62 9.97 13.59
CA MET B 70 11.89 8.54 13.62
C MET B 70 12.90 8.29 14.75
N ASP B 71 13.03 7.02 15.15
CA ASP B 71 13.85 6.60 16.28
C ASP B 71 15.29 6.39 15.80
N LEU B 72 16.15 7.39 16.07
CA LEU B 72 17.57 7.40 15.70
C LEU B 72 18.26 6.13 16.21
N LYS B 73 17.87 5.67 17.40
CA LYS B 73 18.41 4.46 18.01
C LYS B 73 17.63 3.27 17.44
N GLU B 74 18.14 2.72 16.34
CA GLU B 74 17.41 1.73 15.57
C GLU B 74 17.86 1.81 14.11
N TYR B 75 17.72 3.03 13.58
CA TYR B 75 18.40 3.49 12.38
C TYR B 75 19.69 2.68 12.23
N PHE B 76 20.55 2.79 13.25
CA PHE B 76 21.84 2.12 13.31
C PHE B 76 21.62 0.61 13.02
N ARG B 77 21.92 0.21 11.77
CA ARG B 77 21.51 -1.05 11.09
C ARG B 77 19.98 -1.15 11.07
N GLU B 84 19.05 -6.59 7.05
CA GLU B 84 18.91 -5.74 5.88
C GLU B 84 17.50 -5.89 5.29
N ILE B 85 17.16 -7.06 4.73
CA ILE B 85 15.80 -7.28 4.13
C ILE B 85 14.73 -6.84 5.13
N LEU B 86 15.05 -6.97 6.41
CA LEU B 86 14.22 -6.53 7.51
C LEU B 86 13.98 -5.01 7.42
N GLN B 87 14.93 -4.26 6.85
CA GLN B 87 14.78 -2.82 6.67
C GLN B 87 13.69 -2.52 5.63
N GLU B 88 13.47 -3.43 4.64
CA GLU B 88 12.43 -3.20 3.60
C GLU B 88 11.05 -3.24 4.26
N LYS B 89 10.90 -3.98 5.37
CA LYS B 89 9.65 -4.13 6.15
C LYS B 89 9.41 -2.93 7.09
N ILE B 90 10.48 -2.45 7.74
CA ILE B 90 10.33 -1.47 8.81
C ILE B 90 9.96 -0.11 8.20
N ARG B 91 10.56 0.15 7.02
CA ARG B 91 10.23 1.29 6.17
C ARG B 91 8.75 1.21 5.77
N ARG B 92 8.37 0.03 5.23
CA ARG B 92 7.03 -0.24 4.72
C ARG B 92 5.97 -0.04 5.81
N GLU B 93 6.31 -0.42 7.05
CA GLU B 93 5.42 -0.26 8.20
C GLU B 93 5.31 1.21 8.63
N ALA B 94 6.43 1.93 8.54
CA ALA B 94 6.43 3.38 8.77
C ALA B 94 5.47 4.05 7.78
N SER B 95 5.52 3.58 6.54
CA SER B 95 4.75 4.16 5.47
C SER B 95 3.27 3.80 5.67
N GLN B 96 3.06 2.51 5.96
CA GLN B 96 1.74 1.93 6.01
C GLN B 96 0.81 2.83 6.84
N TRP B 97 1.28 3.36 7.95
CA TRP B 97 0.37 4.17 8.82
C TRP B 97 0.52 5.66 8.55
N GLN B 98 1.76 6.14 8.38
CA GLN B 98 2.00 7.58 8.32
C GLN B 98 1.38 8.22 7.07
N TRP B 99 1.13 7.46 5.99
CA TRP B 99 0.41 8.07 4.84
C TRP B 99 -0.40 7.05 4.01
N LYS B 100 0.11 5.83 3.74
CA LYS B 100 -0.63 4.85 2.92
C LYS B 100 -2.06 4.66 3.44
N LEU B 101 -2.23 4.53 4.77
CA LEU B 101 -3.59 4.42 5.37
C LEU B 101 -4.15 5.81 5.72
N LEU B 102 -3.29 6.72 6.18
CA LEU B 102 -3.79 7.92 6.90
C LEU B 102 -4.32 9.01 5.95
N ARG B 103 -3.59 9.20 4.84
CA ARG B 103 -3.75 10.34 3.93
C ARG B 103 -5.07 10.23 3.16
N LEU B 104 -5.49 9.00 2.84
CA LEU B 104 -6.78 8.70 2.18
C LEU B 104 -7.59 7.78 3.09
N TYR B 105 -7.62 8.14 4.38
CA TYR B 105 -8.28 7.36 5.41
C TYR B 105 -9.78 7.43 5.16
N ALA B 106 -10.51 6.38 5.56
CA ALA B 106 -11.97 6.31 5.36
C ALA B 106 -12.73 7.39 6.16
N LYS B 107 -12.12 7.92 7.23
CA LYS B 107 -12.74 8.91 8.09
C LYS B 107 -11.88 10.17 8.11
N PRO B 108 -12.47 11.33 8.47
CA PRO B 108 -11.71 12.56 8.61
C PRO B 108 -10.60 12.40 9.65
N THR B 109 -9.55 13.20 9.48
CA THR B 109 -8.35 13.09 10.28
C THR B 109 -7.86 14.51 10.52
N ILE B 110 -7.44 14.78 11.77
CA ILE B 110 -6.87 16.08 12.14
C ILE B 110 -5.60 15.82 12.93
N ALA B 111 -4.52 16.53 12.59
CA ALA B 111 -3.34 16.57 13.44
C ALA B 111 -3.46 17.73 14.45
N MET B 112 -3.40 17.38 15.74
CA MET B 112 -3.37 18.34 16.88
C MET B 112 -1.94 18.36 17.44
N VAL B 113 -1.16 19.37 17.03
CA VAL B 113 0.28 19.43 17.24
C VAL B 113 0.56 20.22 18.52
N ASN B 114 0.88 19.51 19.60
CA ASN B 114 0.98 20.07 20.95
C ASN B 114 2.41 20.51 21.24
N GLY B 115 3.42 19.87 20.61
CA GLY B 115 4.81 20.17 20.94
C GLY B 115 5.76 19.94 19.78
N TRP B 116 6.97 19.49 20.11
CA TRP B 116 8.00 19.34 19.11
C TRP B 116 7.53 18.36 18.02
N CYS B 117 7.62 18.83 16.77
CA CYS B 117 7.40 18.06 15.55
C CYS B 117 8.59 18.27 14.61
N PHE B 118 9.47 17.26 14.53
CA PHE B 118 10.66 17.24 13.70
C PHE B 118 10.60 16.09 12.68
N GLY B 119 11.32 16.25 11.55
CA GLY B 119 11.66 15.18 10.59
C GLY B 119 10.49 14.29 10.15
N GLY B 120 10.64 12.98 10.36
CA GLY B 120 9.69 11.97 9.86
C GLY B 120 8.24 12.26 10.22
N GLY B 121 8.05 13.12 11.24
CA GLY B 121 6.72 13.47 11.80
C GLY B 121 5.87 14.30 10.84
N PHE B 122 6.54 15.09 10.00
CA PHE B 122 5.92 15.91 8.94
C PHE B 122 5.03 15.08 7.97
N SER B 123 5.42 13.84 7.66
CA SER B 123 4.59 12.98 6.73
C SER B 123 3.16 12.77 7.27
N PRO B 124 2.95 12.13 8.44
CA PRO B 124 1.61 12.01 9.00
C PRO B 124 0.99 13.37 9.37
N LEU B 125 1.81 14.42 9.54
CA LEU B 125 1.31 15.76 9.71
C LEU B 125 0.55 16.17 8.45
N VAL B 126 1.23 16.08 7.32
CA VAL B 126 0.70 16.54 6.07
C VAL B 126 -0.48 15.64 5.72
N ALA B 127 -0.25 14.31 5.84
CA ALA B 127 -1.18 13.19 5.41
C ALA B 127 -2.58 13.33 6.02
N CYS B 128 -2.63 13.92 7.23
CA CYS B 128 -3.89 14.25 7.88
C CYS B 128 -4.58 15.30 7.00
N ASP B 129 -5.91 15.18 6.89
CA ASP B 129 -6.73 16.05 6.09
C ASP B 129 -6.51 17.50 6.55
N LEU B 130 -6.57 17.70 7.87
CA LEU B 130 -6.47 19.01 8.49
C LEU B 130 -5.50 18.94 9.67
N ALA B 131 -5.14 20.11 10.19
CA ALA B 131 -4.10 20.23 11.18
C ALA B 131 -4.25 21.54 11.95
N ILE B 132 -4.21 21.45 13.29
CA ILE B 132 -4.14 22.63 14.21
C ILE B 132 -2.92 22.49 15.13
N CYS B 133 -2.09 23.54 15.22
CA CYS B 133 -0.90 23.55 16.09
C CYS B 133 -1.04 24.62 17.20
N ALA B 134 -0.02 24.66 18.06
CA ALA B 134 0.11 25.63 19.13
C ALA B 134 1.17 26.66 18.74
N ASN B 135 0.91 27.93 19.07
CA ASN B 135 1.87 29.06 18.98
C ASN B 135 3.23 28.62 19.51
N GLU B 136 3.19 27.75 20.52
CA GLU B 136 4.29 27.34 21.37
C GLU B 136 5.06 26.17 20.73
N ALA B 137 4.32 25.27 20.06
CA ALA B 137 4.89 24.12 19.36
C ALA B 137 6.02 24.60 18.45
N THR B 138 7.00 23.73 18.25
CA THR B 138 8.20 24.09 17.51
C THR B 138 8.52 22.97 16.51
N PHE B 139 8.81 23.35 15.27
CA PHE B 139 9.12 22.41 14.19
C PHE B 139 10.47 22.77 13.55
N GLY B 140 11.12 21.77 12.98
CA GLY B 140 12.26 21.94 12.12
C GLY B 140 12.49 20.69 11.30
N LEU B 141 13.33 20.80 10.27
CA LEU B 141 13.68 19.68 9.43
C LEU B 141 15.17 19.39 9.59
N SER B 142 15.49 18.86 10.78
CA SER B 142 16.82 18.79 11.31
C SER B 142 17.61 17.64 10.68
N GLU B 143 16.97 16.78 9.90
CA GLU B 143 17.67 15.66 9.28
C GLU B 143 19.05 16.10 8.76
N ILE B 144 19.12 17.29 8.16
CA ILE B 144 20.35 17.82 7.57
C ILE B 144 21.46 17.98 8.62
N ASN B 145 21.11 18.37 9.86
CA ASN B 145 22.11 18.53 10.93
C ASN B 145 22.59 17.15 11.40
N TRP B 146 21.73 16.14 11.28
CA TRP B 146 22.09 14.77 11.64
C TRP B 146 22.94 14.10 10.57
N GLY B 147 23.12 14.77 9.42
CA GLY B 147 23.90 14.24 8.30
C GLY B 147 23.12 13.23 7.47
N ILE B 148 21.80 13.45 7.36
CA ILE B 148 20.94 12.67 6.44
C ILE B 148 19.88 13.58 5.83
N PRO B 149 19.41 13.26 4.60
CA PRO B 149 18.37 14.02 3.92
C PRO B 149 16.99 13.60 4.41
N PRO B 150 15.95 14.46 4.31
CA PRO B 150 14.61 14.08 4.78
C PRO B 150 14.27 12.66 4.29
N GLY B 151 13.66 11.88 5.20
CA GLY B 151 13.38 10.48 4.96
C GLY B 151 11.89 10.19 4.80
N ASN B 152 11.63 9.00 4.24
CA ASN B 152 10.30 8.60 3.89
C ASN B 152 9.70 9.65 2.93
N LEU B 153 8.43 10.01 3.14
CA LEU B 153 7.75 10.91 2.26
C LEU B 153 7.87 12.36 2.74
N VAL B 154 8.86 12.66 3.58
CA VAL B 154 8.92 14.01 4.22
C VAL B 154 9.01 15.09 3.14
N SER B 155 10.02 14.97 2.27
CA SER B 155 10.21 15.89 1.18
C SER B 155 8.87 16.20 0.50
N LYS B 156 8.15 15.12 0.15
CA LYS B 156 6.95 15.21 -0.67
C LYS B 156 5.82 15.82 0.15
N ALA B 157 5.79 15.51 1.44
CA ALA B 157 4.90 16.22 2.38
C ALA B 157 5.08 17.72 2.18
N MET B 158 6.34 18.17 2.18
CA MET B 158 6.74 19.60 2.11
C MET B 158 6.44 20.19 0.73
N ALA B 159 6.83 19.46 -0.31
CA ALA B 159 6.60 19.84 -1.69
C ALA B 159 5.11 20.13 -1.93
N ASP B 160 4.21 19.37 -1.28
CA ASP B 160 2.78 19.44 -1.59
C ASP B 160 2.10 20.60 -0.85
N THR B 161 2.78 21.23 0.11
CA THR B 161 2.07 22.16 0.98
C THR B 161 2.84 23.47 1.18
N VAL B 162 4.17 23.46 1.13
CA VAL B 162 4.95 24.67 1.35
C VAL B 162 5.69 25.06 0.06
N GLY B 163 5.64 26.36 -0.25
CA GLY B 163 6.32 26.99 -1.38
C GLY B 163 7.78 26.61 -1.38
N HIS B 164 8.35 26.45 -2.57
CA HIS B 164 9.62 25.75 -2.71
C HIS B 164 10.75 26.57 -2.08
N ARG B 165 10.66 27.90 -2.13
CA ARG B 165 11.66 28.76 -1.46
C ARG B 165 11.68 28.46 0.05
N GLN B 166 10.53 28.60 0.71
CA GLN B 166 10.44 28.29 2.15
C GLN B 166 10.79 26.81 2.39
N SER B 167 10.18 25.88 1.62
CA SER B 167 10.46 24.41 1.77
C SER B 167 11.96 24.15 1.85
N LEU B 168 12.72 24.79 0.95
CA LEU B 168 14.15 24.49 0.75
C LEU B 168 15.05 25.26 1.73
N TYR B 169 14.60 26.42 2.23
CA TYR B 169 15.28 27.07 3.33
C TYR B 169 15.42 26.04 4.45
N TYR B 170 14.27 25.54 4.91
CA TYR B 170 14.17 24.72 6.11
C TYR B 170 14.78 23.33 5.91
N ILE B 171 14.71 22.75 4.70
CA ILE B 171 15.33 21.44 4.44
C ILE B 171 16.85 21.61 4.40
N MET B 172 17.31 22.69 3.77
CA MET B 172 18.74 22.96 3.56
C MET B 172 19.44 23.46 4.84
N THR B 173 18.83 24.38 5.61
CA THR B 173 19.48 24.96 6.83
C THR B 173 19.23 24.13 8.09
N GLY B 174 18.03 23.53 8.18
CA GLY B 174 17.64 22.78 9.35
C GLY B 174 17.27 23.70 10.50
N LYS B 175 17.06 24.99 10.19
CA LYS B 175 16.56 25.94 11.17
C LYS B 175 15.18 25.48 11.64
N THR B 176 14.83 25.81 12.89
CA THR B 176 13.51 25.49 13.44
C THR B 176 12.60 26.70 13.20
N PHE B 177 11.30 26.49 13.43
CA PHE B 177 10.27 27.51 13.38
C PHE B 177 9.15 27.16 14.37
N ASP B 178 8.31 28.14 14.69
CA ASP B 178 7.27 27.99 15.71
C ASP B 178 5.92 27.92 15.00
N GLY B 179 4.85 27.79 15.79
CA GLY B 179 3.46 27.58 15.31
C GLY B 179 2.94 28.68 14.39
N ARG B 180 3.36 29.93 14.63
CA ARG B 180 2.86 31.06 13.82
C ARG B 180 3.43 30.93 12.39
N LYS B 181 4.71 30.57 12.28
CA LYS B 181 5.33 30.37 10.97
C LYS B 181 4.63 29.21 10.23
N ALA B 182 4.42 28.10 10.94
CA ALA B 182 3.72 26.92 10.41
C ALA B 182 2.45 27.32 9.63
N ALA B 183 1.69 28.28 10.17
CA ALA B 183 0.41 28.69 9.61
C ALA B 183 0.63 29.59 8.39
N GLU B 184 1.63 30.48 8.44
CA GLU B 184 1.99 31.36 7.31
C GLU B 184 2.28 30.51 6.06
N MET B 185 2.96 29.39 6.27
CA MET B 185 3.50 28.58 5.21
C MET B 185 2.42 27.68 4.58
N GLY B 186 1.32 27.46 5.33
CA GLY B 186 0.22 26.59 4.90
C GLY B 186 0.33 25.16 5.45
N LEU B 187 1.25 24.93 6.39
CA LEU B 187 1.50 23.63 6.96
C LEU B 187 0.35 23.20 7.90
N VAL B 188 -0.35 24.19 8.49
CA VAL B 188 -1.48 23.91 9.37
C VAL B 188 -2.68 24.73 8.88
N ASN B 189 -3.84 24.49 9.47
CA ASN B 189 -5.02 25.32 9.23
C ASN B 189 -5.00 26.62 10.04
N ASP B 190 -4.39 26.59 11.23
CA ASP B 190 -4.41 27.69 12.24
C ASP B 190 -3.37 27.38 13.33
N SER B 191 -2.95 28.41 14.07
CA SER B 191 -2.08 28.29 15.29
C SER B 191 -2.67 29.10 16.44
N VAL B 192 -3.07 28.41 17.51
CA VAL B 192 -3.80 28.99 18.61
C VAL B 192 -3.06 28.64 19.91
N PRO B 193 -3.10 29.51 20.95
CA PRO B 193 -2.40 29.25 22.20
C PRO B 193 -2.68 27.82 22.69
N LEU B 194 -1.62 27.13 23.12
CA LEU B 194 -1.72 25.78 23.66
C LEU B 194 -2.97 25.67 24.54
N ALA B 195 -3.19 26.68 25.40
CA ALA B 195 -4.38 26.87 26.27
C ALA B 195 -5.66 26.39 25.58
N GLU B 196 -5.95 26.94 24.39
CA GLU B 196 -7.24 26.73 23.69
C GLU B 196 -7.13 25.64 22.59
N LEU B 197 -6.00 24.92 22.52
CA LEU B 197 -5.76 23.99 21.39
C LEU B 197 -6.77 22.84 21.41
N ARG B 198 -6.94 22.16 22.54
CA ARG B 198 -7.85 21.02 22.65
C ARG B 198 -9.27 21.47 22.33
N GLU B 199 -9.61 22.72 22.72
CA GLU B 199 -10.96 23.26 22.53
C GLU B 199 -11.21 23.43 21.02
N THR B 200 -10.31 24.15 20.32
CA THR B 200 -10.47 24.49 18.88
C THR B 200 -10.58 23.19 18.05
N THR B 201 -9.72 22.20 18.36
CA THR B 201 -9.72 20.88 17.72
C THR B 201 -11.07 20.16 17.92
N ARG B 202 -11.62 20.22 19.14
CA ARG B 202 -12.88 19.53 19.50
C ARG B 202 -14.05 20.17 18.71
N GLU B 203 -14.13 21.50 18.74
CA GLU B 203 -15.13 22.25 17.97
C GLU B 203 -15.19 21.71 16.54
N LEU B 204 -14.04 21.75 15.87
CA LEU B 204 -13.94 21.38 14.46
C LEU B 204 -14.33 19.91 14.26
N ALA B 205 -13.79 19.04 15.12
CA ALA B 205 -14.06 17.61 15.11
C ALA B 205 -15.57 17.36 15.18
N LEU B 206 -16.25 18.13 16.04
CA LEU B 206 -17.72 18.07 16.22
C LEU B 206 -18.43 18.42 14.91
N ASN B 207 -17.95 19.47 14.24
CA ASN B 207 -18.50 19.95 12.97
C ASN B 207 -18.43 18.84 11.91
N LEU B 208 -17.31 18.11 11.86
CA LEU B 208 -17.09 17.09 10.83
C LEU B 208 -18.02 15.88 11.05
N LEU B 209 -18.46 15.68 12.29
CA LEU B 209 -19.40 14.61 12.64
C LEU B 209 -20.82 14.94 12.16
N GLU B 210 -21.14 16.25 12.04
CA GLU B 210 -22.43 16.71 11.49
C GLU B 210 -22.61 16.14 10.07
N LYS B 211 -21.51 15.90 9.34
CA LYS B 211 -21.56 15.66 7.89
C LYS B 211 -21.85 14.19 7.59
N ASN B 212 -22.57 13.93 6.50
CA ASN B 212 -22.75 12.56 6.00
C ASN B 212 -21.35 11.96 5.87
N PRO B 213 -21.00 10.90 6.62
CA PRO B 213 -19.64 10.35 6.58
C PRO B 213 -19.14 9.85 5.21
N VAL B 214 -20.01 9.20 4.43
CA VAL B 214 -19.62 8.62 3.13
C VAL B 214 -19.30 9.73 2.14
N VAL B 215 -20.09 10.80 2.20
CA VAL B 215 -19.95 11.92 1.31
C VAL B 215 -18.62 12.59 1.61
N LEU B 216 -18.38 12.90 2.91
CA LEU B 216 -17.16 13.57 3.41
C LEU B 216 -15.91 12.80 2.95
N ARG B 217 -15.97 11.47 3.00
CA ARG B 217 -14.93 10.57 2.46
C ARG B 217 -14.68 10.97 0.99
N ALA B 218 -15.72 10.82 0.17
CA ALA B 218 -15.56 11.02 -1.27
C ALA B 218 -14.97 12.41 -1.49
N ALA B 219 -15.49 13.39 -0.74
CA ALA B 219 -15.14 14.79 -0.94
C ALA B 219 -13.65 15.04 -0.70
N LYS B 220 -13.15 14.59 0.46
CA LYS B 220 -11.79 14.89 0.94
C LYS B 220 -10.78 14.02 0.18
N ASN B 221 -11.12 12.74 -0.03
CA ASN B 221 -10.20 11.78 -0.62
C ASN B 221 -10.16 11.94 -2.13
N GLY B 222 -11.24 12.48 -2.70
CA GLY B 222 -11.28 12.82 -4.11
C GLY B 222 -10.47 14.07 -4.41
N PHE B 223 -10.50 15.06 -3.48
CA PHE B 223 -9.82 16.31 -3.64
C PHE B 223 -8.30 16.07 -3.67
N LYS B 224 -7.83 15.16 -2.80
CA LYS B 224 -6.41 14.91 -2.59
C LYS B 224 -5.83 14.22 -3.83
N ARG B 225 -6.55 13.22 -4.33
CA ARG B 225 -6.14 12.55 -5.55
C ARG B 225 -6.22 13.53 -6.73
N CYS B 226 -7.17 14.48 -6.74
CA CYS B 226 -7.43 15.32 -7.96
C CYS B 226 -6.25 16.25 -8.27
N ARG B 227 -5.33 16.40 -7.31
CA ARG B 227 -4.12 17.19 -7.50
C ARG B 227 -3.18 16.51 -8.51
N GLU B 228 -3.11 15.18 -8.47
CA GLU B 228 -2.25 14.39 -9.36
C GLU B 228 -2.79 14.34 -10.80
N LEU B 229 -4.04 14.72 -11.03
CA LEU B 229 -4.68 14.54 -12.33
C LEU B 229 -4.85 15.90 -13.03
N THR B 230 -4.88 15.88 -14.35
CA THR B 230 -5.24 17.05 -15.16
C THR B 230 -6.76 17.24 -15.14
N TRP B 231 -7.20 18.47 -15.43
CA TRP B 231 -8.64 18.81 -15.59
C TRP B 231 -9.34 17.76 -16.47
N GLU B 232 -8.74 17.45 -17.62
CA GLU B 232 -9.44 16.67 -18.63
C GLU B 232 -9.58 15.25 -18.07
N GLN B 233 -8.54 14.71 -17.45
CA GLN B 233 -8.67 13.41 -16.73
C GLN B 233 -9.65 13.52 -15.55
N ASN B 234 -9.61 14.63 -14.81
CA ASN B 234 -10.41 14.80 -13.61
C ASN B 234 -11.91 14.78 -13.89
N GLU B 235 -12.34 15.17 -15.11
CA GLU B 235 -13.79 15.16 -15.45
C GLU B 235 -14.33 13.75 -15.23
N ASP B 236 -13.59 12.75 -15.73
CA ASP B 236 -13.88 11.32 -15.55
C ASP B 236 -13.74 10.92 -14.07
N TYR B 237 -12.56 11.09 -13.48
CA TYR B 237 -12.30 10.66 -12.08
C TYR B 237 -13.39 11.20 -11.14
N LEU B 238 -13.53 12.53 -11.03
CA LEU B 238 -14.36 13.12 -9.94
C LEU B 238 -15.85 12.72 -10.12
N TYR B 239 -16.35 12.67 -11.36
CA TYR B 239 -17.73 12.22 -11.59
C TYR B 239 -17.86 10.76 -11.18
N ALA B 240 -16.81 9.97 -11.38
CA ALA B 240 -16.83 8.57 -10.93
C ALA B 240 -16.91 8.50 -9.40
N LYS B 241 -16.30 9.46 -8.70
CA LYS B 241 -16.34 9.50 -7.23
C LYS B 241 -17.71 10.00 -6.73
N LEU B 242 -18.32 10.94 -7.47
CA LEU B 242 -19.71 11.44 -7.25
C LEU B 242 -20.68 10.24 -7.24
N ASP B 243 -20.69 9.48 -8.33
CA ASP B 243 -21.60 8.37 -8.49
C ASP B 243 -21.24 7.32 -7.44
N GLN B 244 -19.95 7.07 -7.25
CA GLN B 244 -19.54 6.08 -6.28
C GLN B 244 -20.16 6.48 -4.94
N SER B 245 -20.08 7.78 -4.60
CA SER B 245 -20.58 8.38 -3.36
C SER B 245 -22.08 8.12 -3.22
N ARG B 246 -22.84 8.49 -4.26
CA ARG B 246 -24.29 8.22 -4.32
C ARG B 246 -24.55 6.72 -4.08
N LEU B 247 -23.80 5.83 -4.75
CA LEU B 247 -24.06 4.40 -4.63
C LEU B 247 -23.89 3.93 -3.17
N LEU B 248 -23.01 4.58 -2.40
CA LEU B 248 -22.71 4.12 -1.04
C LEU B 248 -23.43 5.01 -0.02
N ASP B 249 -24.75 4.91 0.09
CA ASP B 249 -25.48 5.77 1.06
C ASP B 249 -26.65 5.05 1.76
N THR B 250 -27.49 4.32 1.01
CA THR B 250 -28.70 3.64 1.57
C THR B 250 -29.77 4.68 1.91
#